data_1TKY
#
_entry.id   1TKY
#
_cell.length_a   43.563
_cell.length_b   45.429
_cell.length_c   116.532
_cell.angle_alpha   90.00
_cell.angle_beta   90.00
_cell.angle_gamma   90.00
#
_symmetry.space_group_name_H-M   'P 21 21 21'
#
loop_
_entity.id
_entity.type
_entity.pdbx_description
1 polymer 'Threonyl-tRNA synthetase'
2 non-polymer "SERINE-3'-AMINOADENOSINE"
3 water water
#
_entity_poly.entity_id   1
_entity_poly.type   'polypeptide(L)'
_entity_poly.pdbx_seq_one_letter_code
;MPVITLPDGSQRHYDHAVSPMDVALDIGPGLAKACIAGRVNGELVDACDLIENDAQLSIITAKDEEGLEIIRHSCAHLLG
HAIKQLWPHTKMAIGPVIDNGFYYDVDLDRTLTQEDVEALEKRMHELAEKNYDVIKKKVSWHEARETFANRGESYKVSIL
DENIAHDDKPGLYFHEEYVDMCRGPHVPNMRFCHHFKLMKTAGAYWRGDSNNKMLQRIYGTAWA
;
_entity_poly.pdbx_strand_id   A
#
# COMPACT_ATOMS: atom_id res chain seq x y z
N MET A 1 -16.54 -13.22 -19.61
CA MET A 1 -17.28 -14.33 -18.96
C MET A 1 -16.31 -15.31 -18.31
N PRO A 2 -15.55 -14.84 -17.31
CA PRO A 2 -14.58 -15.70 -16.63
C PRO A 2 -15.22 -16.75 -15.75
N VAL A 3 -14.61 -17.93 -15.73
CA VAL A 3 -15.08 -19.01 -14.88
C VAL A 3 -14.09 -19.02 -13.72
N ILE A 4 -14.60 -18.79 -12.52
CA ILE A 4 -13.78 -18.72 -11.32
C ILE A 4 -13.84 -20.00 -10.47
N THR A 5 -12.68 -20.63 -10.27
CA THR A 5 -12.62 -21.84 -9.45
C THR A 5 -11.93 -21.54 -8.13
N LEU A 6 -12.57 -21.93 -7.03
CA LEU A 6 -12.04 -21.71 -5.69
C LEU A 6 -11.22 -22.92 -5.24
N PRO A 7 -10.42 -22.76 -4.17
CA PRO A 7 -9.57 -23.83 -3.64
C PRO A 7 -10.30 -25.15 -3.37
N ASP A 8 -11.57 -25.08 -3.00
CA ASP A 8 -12.34 -26.28 -2.69
C ASP A 8 -12.88 -26.98 -3.92
N GLY A 9 -12.66 -26.40 -5.09
CA GLY A 9 -13.15 -27.00 -6.32
C GLY A 9 -14.48 -26.44 -6.79
N SER A 10 -15.14 -25.65 -5.96
CA SER A 10 -16.41 -25.05 -6.33
C SER A 10 -16.14 -24.07 -7.46
N GLN A 11 -17.07 -23.99 -8.41
CA GLN A 11 -16.90 -23.09 -9.54
C GLN A 11 -18.06 -22.12 -9.70
N ARG A 12 -17.73 -20.92 -10.15
CA ARG A 12 -18.72 -19.88 -10.35
C ARG A 12 -18.59 -19.29 -11.75
N HIS A 13 -19.70 -19.31 -12.49
CA HIS A 13 -19.71 -18.77 -13.84
C HIS A 13 -20.23 -17.34 -13.80
N TYR A 14 -19.46 -16.44 -14.40
CA TYR A 14 -19.83 -15.04 -14.44
C TYR A 14 -19.84 -14.62 -15.89
N ASP A 15 -20.73 -13.71 -16.26
CA ASP A 15 -20.78 -13.23 -17.64
C ASP A 15 -20.24 -11.82 -17.73
N HIS A 16 -19.54 -11.41 -16.67
CA HIS A 16 -18.92 -10.09 -16.61
C HIS A 16 -17.70 -10.24 -15.70
N ALA A 17 -16.78 -9.30 -15.81
CA ALA A 17 -15.57 -9.33 -15.00
C ALA A 17 -15.93 -9.12 -13.54
N VAL A 18 -15.25 -9.84 -12.66
CA VAL A 18 -15.51 -9.75 -11.23
C VAL A 18 -14.18 -9.65 -10.47
N SER A 19 -14.23 -9.03 -9.30
CA SER A 19 -13.04 -8.87 -8.47
C SER A 19 -13.05 -9.91 -7.36
N PRO A 20 -11.91 -10.08 -6.67
CA PRO A 20 -11.90 -11.06 -5.58
C PRO A 20 -12.94 -10.68 -4.53
N MET A 21 -13.10 -9.39 -4.28
CA MET A 21 -14.09 -8.94 -3.30
C MET A 21 -15.50 -9.30 -3.76
N ASP A 22 -15.78 -9.15 -5.05
CA ASP A 22 -17.10 -9.49 -5.57
C ASP A 22 -17.40 -10.96 -5.29
N VAL A 23 -16.43 -11.82 -5.58
CA VAL A 23 -16.62 -13.24 -5.38
C VAL A 23 -16.74 -13.57 -3.90
N ALA A 24 -15.94 -12.92 -3.05
CA ALA A 24 -16.01 -13.16 -1.62
C ALA A 24 -17.41 -12.84 -1.09
N LEU A 25 -17.98 -11.72 -1.54
CA LEU A 25 -19.30 -11.32 -1.08
C LEU A 25 -20.36 -12.32 -1.56
N ASP A 26 -20.14 -12.91 -2.74
CA ASP A 26 -21.09 -13.90 -3.26
C ASP A 26 -21.11 -15.13 -2.39
N ILE A 27 -19.95 -15.49 -1.84
CA ILE A 27 -19.85 -16.65 -0.97
C ILE A 27 -20.50 -16.38 0.40
N GLY A 28 -20.18 -15.22 0.98
CA GLY A 28 -20.77 -14.87 2.26
C GLY A 28 -20.27 -13.56 2.85
N PRO A 29 -21.03 -12.98 3.78
CA PRO A 29 -20.65 -11.71 4.42
C PRO A 29 -19.37 -11.81 5.24
N GLY A 30 -19.19 -12.96 5.89
CA GLY A 30 -17.99 -13.15 6.71
C GLY A 30 -16.71 -13.15 5.91
N LEU A 31 -16.72 -13.84 4.77
CA LEU A 31 -15.53 -13.91 3.93
C LEU A 31 -15.24 -12.54 3.32
N ALA A 32 -16.28 -11.79 2.96
CA ALA A 32 -16.09 -10.48 2.38
C ALA A 32 -15.47 -9.53 3.39
N LYS A 33 -15.89 -9.65 4.64
CA LYS A 33 -15.37 -8.80 5.71
C LYS A 33 -13.92 -9.15 6.03
N ALA A 34 -13.55 -10.41 5.84
CA ALA A 34 -12.19 -10.86 6.12
C ALA A 34 -11.22 -10.65 4.96
N CYS A 35 -11.75 -10.48 3.76
CA CYS A 35 -10.94 -10.32 2.57
C CYS A 35 -10.02 -9.11 2.52
N ILE A 36 -8.72 -9.38 2.39
CA ILE A 36 -7.72 -8.31 2.29
C ILE A 36 -7.23 -8.20 0.85
N ALA A 37 -7.10 -9.34 0.17
CA ALA A 37 -6.62 -9.36 -1.21
C ALA A 37 -6.97 -10.70 -1.83
N GLY A 38 -6.46 -10.95 -3.03
CA GLY A 38 -6.72 -12.23 -3.67
C GLY A 38 -5.50 -12.76 -4.40
N ARG A 39 -5.55 -14.03 -4.79
CA ARG A 39 -4.47 -14.59 -5.57
C ARG A 39 -5.21 -15.15 -6.78
N VAL A 40 -4.86 -14.63 -7.96
CA VAL A 40 -5.49 -15.02 -9.21
C VAL A 40 -4.47 -15.69 -10.09
N ASN A 41 -4.68 -16.97 -10.37
CA ASN A 41 -3.76 -17.75 -11.19
C ASN A 41 -2.32 -17.63 -10.66
N GLY A 42 -2.20 -17.68 -9.34
CA GLY A 42 -0.89 -17.59 -8.70
C GLY A 42 -0.36 -16.21 -8.39
N GLU A 43 -1.00 -15.17 -8.92
CA GLU A 43 -0.54 -13.80 -8.69
C GLU A 43 -1.35 -13.02 -7.66
N LEU A 44 -0.66 -12.37 -6.73
CA LEU A 44 -1.35 -11.56 -5.73
C LEU A 44 -1.93 -10.33 -6.41
N VAL A 45 -3.18 -10.02 -6.10
CA VAL A 45 -3.83 -8.86 -6.69
C VAL A 45 -4.65 -8.17 -5.60
N ASP A 46 -5.01 -6.92 -5.85
CA ASP A 46 -5.83 -6.19 -4.89
C ASP A 46 -7.24 -6.77 -4.95
N ALA A 47 -7.95 -6.65 -3.84
CA ALA A 47 -9.31 -7.18 -3.77
C ALA A 47 -10.26 -6.55 -4.78
N CYS A 48 -9.90 -5.37 -5.28
CA CYS A 48 -10.74 -4.66 -6.24
C CYS A 48 -10.37 -4.89 -7.70
N ASP A 49 -9.28 -5.61 -7.95
CA ASP A 49 -8.83 -5.86 -9.33
C ASP A 49 -9.78 -6.79 -10.08
N LEU A 50 -10.16 -6.41 -11.29
CA LEU A 50 -11.08 -7.21 -12.09
C LEU A 50 -10.48 -8.45 -12.76
N ILE A 51 -11.19 -9.56 -12.66
CA ILE A 51 -10.78 -10.81 -13.28
C ILE A 51 -11.67 -10.96 -14.51
N GLU A 52 -11.08 -10.82 -15.70
CA GLU A 52 -11.84 -10.92 -16.94
C GLU A 52 -11.90 -12.33 -17.51
N ASN A 53 -10.82 -13.09 -17.37
CA ASN A 53 -10.75 -14.44 -17.91
C ASN A 53 -10.81 -15.53 -16.83
N ASP A 54 -11.08 -16.76 -17.26
CA ASP A 54 -11.16 -17.89 -16.35
C ASP A 54 -9.94 -17.90 -15.44
N ALA A 55 -10.12 -18.28 -14.19
CA ALA A 55 -9.00 -18.30 -13.26
C ALA A 55 -9.25 -19.05 -11.97
N GLN A 56 -8.14 -19.41 -11.32
CA GLN A 56 -8.16 -20.08 -10.03
C GLN A 56 -8.04 -18.91 -9.07
N LEU A 57 -8.96 -18.81 -8.13
CA LEU A 57 -8.93 -17.70 -7.18
C LEU A 57 -8.89 -18.16 -5.74
N SER A 58 -8.12 -17.44 -4.92
CA SER A 58 -8.03 -17.72 -3.50
C SER A 58 -8.20 -16.37 -2.82
N ILE A 59 -8.84 -16.35 -1.66
CA ILE A 59 -9.04 -15.10 -0.92
C ILE A 59 -8.01 -15.01 0.19
N ILE A 60 -7.29 -13.89 0.24
CA ILE A 60 -6.27 -13.66 1.25
C ILE A 60 -6.88 -12.91 2.44
N THR A 61 -6.62 -13.39 3.65
CA THR A 61 -7.15 -12.76 4.86
C THR A 61 -5.99 -12.51 5.82
N ALA A 62 -6.30 -11.92 6.98
CA ALA A 62 -5.27 -11.64 7.98
C ALA A 62 -4.62 -12.89 8.57
N LYS A 63 -5.22 -14.05 8.29
CA LYS A 63 -4.68 -15.30 8.80
C LYS A 63 -3.59 -15.85 7.86
N ASP A 64 -3.44 -15.22 6.71
CA ASP A 64 -2.43 -15.64 5.74
C ASP A 64 -1.16 -14.82 5.94
N GLU A 65 0.00 -15.43 5.67
CA GLU A 65 1.26 -14.74 5.82
C GLU A 65 1.26 -13.56 4.86
N GLU A 66 0.64 -13.75 3.69
CA GLU A 66 0.57 -12.67 2.70
C GLU A 66 -0.26 -11.54 3.24
N GLY A 67 -1.27 -11.85 4.06
CA GLY A 67 -2.12 -10.83 4.61
C GLY A 67 -1.34 -9.94 5.56
N LEU A 68 -0.49 -10.54 6.38
CA LEU A 68 0.32 -9.77 7.32
C LEU A 68 1.28 -8.85 6.59
N GLU A 69 1.88 -9.34 5.52
CA GLU A 69 2.81 -8.51 4.74
C GLU A 69 2.08 -7.31 4.13
N ILE A 70 0.89 -7.54 3.61
CA ILE A 70 0.10 -6.47 3.02
C ILE A 70 -0.29 -5.42 4.08
N ILE A 71 -0.64 -5.87 5.28
CA ILE A 71 -0.98 -4.94 6.35
C ILE A 71 0.23 -4.08 6.67
N ARG A 72 1.41 -4.70 6.74
CA ARG A 72 2.63 -3.95 7.02
C ARG A 72 2.92 -2.93 5.93
N HIS A 73 2.74 -3.32 4.67
CA HIS A 73 3.00 -2.41 3.57
C HIS A 73 2.02 -1.23 3.63
N SER A 74 0.76 -1.50 3.93
CA SER A 74 -0.21 -0.41 4.02
C SER A 74 0.08 0.51 5.19
N CYS A 75 0.75 -0.01 6.22
CA CYS A 75 1.11 0.85 7.35
C CYS A 75 2.17 1.85 6.90
N ALA A 76 2.98 1.49 5.91
CA ALA A 76 3.96 2.43 5.39
C ALA A 76 3.19 3.57 4.72
N HIS A 77 2.14 3.24 3.97
CA HIS A 77 1.34 4.29 3.33
C HIS A 77 0.69 5.16 4.40
N LEU A 78 0.24 4.55 5.48
CA LEU A 78 -0.37 5.29 6.58
C LEU A 78 0.62 6.29 7.16
N LEU A 79 1.88 5.89 7.28
CA LEU A 79 2.93 6.80 7.77
C LEU A 79 3.03 8.02 6.85
N GLY A 80 3.00 7.77 5.54
CA GLY A 80 3.06 8.86 4.59
C GLY A 80 1.88 9.80 4.72
N HIS A 81 0.69 9.22 4.84
CA HIS A 81 -0.54 9.99 4.98
C HIS A 81 -0.39 10.91 6.19
N ALA A 82 0.03 10.34 7.32
CA ALA A 82 0.20 11.14 8.53
C ALA A 82 1.33 12.16 8.46
N ILE A 83 2.49 11.77 7.95
CA ILE A 83 3.60 12.71 7.94
C ILE A 83 3.36 13.89 7.00
N LYS A 84 2.59 13.67 5.93
CA LYS A 84 2.28 14.75 5.00
C LYS A 84 1.27 15.73 5.61
N GLN A 85 0.55 15.31 6.65
CA GLN A 85 -0.36 16.22 7.33
C GLN A 85 0.44 17.06 8.33
N LEU A 86 1.34 16.41 9.06
CA LEU A 86 2.15 17.09 10.08
C LEU A 86 3.21 18.03 9.51
N TRP A 87 3.88 17.59 8.44
CA TRP A 87 4.92 18.39 7.77
C TRP A 87 4.65 18.25 6.26
N PRO A 88 3.72 19.05 5.73
CA PRO A 88 3.38 19.00 4.31
C PRO A 88 4.55 19.06 3.32
N HIS A 89 5.63 19.74 3.67
CA HIS A 89 6.74 19.85 2.73
C HIS A 89 7.57 18.58 2.62
N THR A 90 7.30 17.61 3.47
CA THR A 90 8.03 16.34 3.42
C THR A 90 7.95 15.67 2.05
N LYS A 91 9.05 15.07 1.60
CA LYS A 91 9.04 14.33 0.34
C LYS A 91 9.24 12.85 0.68
N MET A 92 8.38 12.02 0.13
CA MET A 92 8.41 10.58 0.36
C MET A 92 9.31 9.86 -0.63
N ALA A 93 10.21 9.01 -0.13
CA ALA A 93 11.09 8.26 -1.02
C ALA A 93 10.57 6.82 -1.15
N ILE A 94 11.21 5.87 -0.48
CA ILE A 94 10.79 4.47 -0.57
C ILE A 94 10.37 3.95 0.80
N GLY A 95 9.28 3.19 0.84
CA GLY A 95 8.76 2.65 2.09
C GLY A 95 8.39 1.19 1.92
N PRO A 96 9.37 0.29 2.07
CA PRO A 96 9.14 -1.15 1.92
C PRO A 96 8.82 -1.90 3.19
N VAL A 97 8.39 -3.16 3.01
CA VAL A 97 8.11 -4.05 4.12
C VAL A 97 9.43 -4.75 4.41
N ILE A 98 9.71 -5.00 5.68
CA ILE A 98 10.93 -5.70 6.07
C ILE A 98 10.53 -6.82 7.00
N ASP A 99 11.48 -7.66 7.38
CA ASP A 99 11.15 -8.75 8.29
C ASP A 99 10.57 -8.15 9.57
N ASN A 100 9.30 -8.46 9.83
CA ASN A 100 8.61 -7.98 11.02
C ASN A 100 8.45 -6.46 11.08
N GLY A 101 7.87 -5.88 10.04
CA GLY A 101 7.66 -4.44 10.04
C GLY A 101 7.82 -3.74 8.70
N PHE A 102 8.17 -2.46 8.76
CA PHE A 102 8.32 -1.65 7.57
C PHE A 102 9.15 -0.41 7.91
N TYR A 103 9.48 0.37 6.90
CA TYR A 103 10.15 1.65 7.14
C TYR A 103 9.82 2.56 5.99
N TYR A 104 10.05 3.84 6.17
CA TYR A 104 9.82 4.79 5.10
C TYR A 104 10.95 5.81 5.19
N ASP A 105 11.64 6.02 4.08
CA ASP A 105 12.71 7.01 4.00
C ASP A 105 12.03 8.31 3.54
N VAL A 106 12.31 9.39 4.26
CA VAL A 106 11.70 10.67 3.94
C VAL A 106 12.69 11.83 3.96
N ASP A 107 12.36 12.86 3.20
CA ASP A 107 13.16 14.08 3.11
C ASP A 107 12.36 15.24 3.70
N LEU A 108 12.78 15.70 4.88
CA LEU A 108 12.12 16.87 5.48
C LEU A 108 13.18 17.67 6.22
N ASP A 109 12.99 18.99 6.25
CA ASP A 109 13.97 19.87 6.88
C ASP A 109 14.13 19.78 8.38
N ARG A 110 13.23 19.10 9.07
CA ARG A 110 13.38 18.97 10.51
C ARG A 110 13.90 17.59 10.87
N THR A 111 14.94 17.56 11.70
CA THR A 111 15.50 16.30 12.16
C THR A 111 14.54 15.85 13.25
N LEU A 112 13.86 14.74 13.00
CA LEU A 112 12.87 14.23 13.94
C LEU A 112 13.38 13.91 15.34
N THR A 113 12.71 14.46 16.34
CA THR A 113 13.05 14.19 17.74
C THR A 113 12.12 13.06 18.17
N GLN A 114 12.31 12.53 19.37
CA GLN A 114 11.44 11.44 19.82
C GLN A 114 10.00 11.95 19.96
N GLU A 115 9.84 13.21 20.36
CA GLU A 115 8.50 13.76 20.49
C GLU A 115 7.86 13.85 19.11
N ASP A 116 8.65 14.13 18.08
CA ASP A 116 8.11 14.18 16.73
C ASP A 116 7.66 12.81 16.29
N VAL A 117 8.45 11.79 16.61
CA VAL A 117 8.08 10.42 16.23
C VAL A 117 6.80 10.03 16.95
N GLU A 118 6.68 10.40 18.23
CA GLU A 118 5.47 10.07 18.97
C GLU A 118 4.26 10.81 18.39
N ALA A 119 4.46 12.05 17.93
CA ALA A 119 3.35 12.80 17.34
C ALA A 119 2.93 12.14 16.02
N LEU A 120 3.92 11.66 15.27
CA LEU A 120 3.63 11.00 14.01
C LEU A 120 2.82 9.72 14.24
N GLU A 121 3.23 8.92 15.23
CA GLU A 121 2.50 7.69 15.52
C GLU A 121 1.07 8.00 15.96
N LYS A 122 0.91 9.02 16.80
CA LYS A 122 -0.42 9.40 17.28
C LYS A 122 -1.33 9.76 16.10
N ARG A 123 -0.82 10.53 15.15
CA ARG A 123 -1.62 10.90 13.99
C ARG A 123 -1.94 9.67 13.14
N MET A 124 -0.99 8.75 13.02
CA MET A 124 -1.25 7.52 12.26
C MET A 124 -2.42 6.74 12.88
N HIS A 125 -2.46 6.63 14.21
CA HIS A 125 -3.55 5.90 14.84
C HIS A 125 -4.88 6.61 14.62
N GLU A 126 -4.86 7.93 14.70
CA GLU A 126 -6.09 8.69 14.48
C GLU A 126 -6.65 8.48 13.09
N LEU A 127 -5.76 8.50 12.09
CA LEU A 127 -6.18 8.32 10.72
C LEU A 127 -6.67 6.90 10.44
N ALA A 128 -5.93 5.90 10.92
CA ALA A 128 -6.30 4.52 10.68
C ALA A 128 -7.66 4.20 11.32
N GLU A 129 -7.90 4.79 12.48
CA GLU A 129 -9.15 4.52 13.18
C GLU A 129 -10.38 5.12 12.53
N LYS A 130 -10.18 5.92 11.48
CA LYS A 130 -11.30 6.47 10.73
C LYS A 130 -11.84 5.38 9.80
N ASN A 131 -11.11 4.27 9.66
CA ASN A 131 -11.53 3.15 8.82
C ASN A 131 -11.90 3.60 7.41
N TYR A 132 -11.03 4.38 6.77
CA TYR A 132 -11.32 4.83 5.41
C TYR A 132 -10.94 3.77 4.38
N ASP A 133 -11.60 3.81 3.23
CA ASP A 133 -11.31 2.87 2.15
C ASP A 133 -10.05 3.33 1.42
N VAL A 134 -9.25 2.36 0.99
CA VAL A 134 -8.05 2.66 0.20
C VAL A 134 -8.55 2.52 -1.23
N ILE A 135 -8.40 3.57 -2.04
CA ILE A 135 -8.86 3.53 -3.42
C ILE A 135 -7.69 3.31 -4.36
N LYS A 136 -7.78 2.27 -5.17
CA LYS A 136 -6.71 1.95 -6.11
C LYS A 136 -7.07 2.36 -7.52
N LYS A 137 -6.10 2.89 -8.25
CA LYS A 137 -6.31 3.26 -9.64
C LYS A 137 -5.06 2.85 -10.40
N LYS A 138 -5.23 2.00 -11.41
CA LYS A 138 -4.13 1.55 -12.25
C LYS A 138 -4.00 2.64 -13.31
N VAL A 139 -2.80 3.22 -13.45
CA VAL A 139 -2.60 4.30 -14.40
C VAL A 139 -1.36 4.12 -15.27
N SER A 140 -1.23 4.98 -16.27
CA SER A 140 -0.08 4.96 -17.17
C SER A 140 1.12 5.56 -16.46
N TRP A 141 2.30 5.28 -16.98
CA TRP A 141 3.54 5.81 -16.43
C TRP A 141 3.44 7.34 -16.37
N HIS A 142 2.91 7.92 -17.44
CA HIS A 142 2.77 9.37 -17.55
C HIS A 142 1.77 9.98 -16.56
N GLU A 143 0.66 9.29 -16.29
CA GLU A 143 -0.31 9.82 -15.35
C GLU A 143 0.28 9.74 -13.95
N ALA A 144 1.03 8.69 -13.68
CA ALA A 144 1.64 8.55 -12.36
C ALA A 144 2.63 9.70 -12.16
N ARG A 145 3.46 9.97 -13.18
CA ARG A 145 4.44 11.04 -13.06
C ARG A 145 3.76 12.40 -12.85
N GLU A 146 2.68 12.67 -13.57
CA GLU A 146 1.99 13.94 -13.42
C GLU A 146 1.43 14.07 -12.00
N THR A 147 0.87 12.98 -11.49
CA THR A 147 0.31 12.96 -10.14
C THR A 147 1.35 13.36 -9.10
N PHE A 148 2.54 12.78 -9.19
CA PHE A 148 3.57 13.12 -8.22
C PHE A 148 4.25 14.46 -8.48
N ALA A 149 4.38 14.84 -9.75
CA ALA A 149 4.96 16.14 -10.04
C ALA A 149 4.07 17.23 -9.44
N ASN A 150 2.75 17.07 -9.57
CA ASN A 150 1.82 18.05 -9.03
C ASN A 150 1.89 18.16 -7.50
N ARG A 151 2.38 17.11 -6.85
CA ARG A 151 2.53 17.09 -5.39
C ARG A 151 3.95 17.48 -4.99
N GLY A 152 4.80 17.78 -5.95
CA GLY A 152 6.17 18.13 -5.64
C GLY A 152 6.99 16.97 -5.09
N GLU A 153 6.53 15.74 -5.37
CA GLU A 153 7.20 14.54 -4.87
C GLU A 153 8.33 14.09 -5.79
N SER A 154 9.45 14.79 -5.67
CA SER A 154 10.63 14.56 -6.50
C SER A 154 11.24 13.17 -6.48
N TYR A 155 11.19 12.49 -5.35
CA TYR A 155 11.77 11.16 -5.30
C TYR A 155 10.88 10.17 -6.04
N LYS A 156 9.57 10.33 -5.91
CA LYS A 156 8.64 9.44 -6.63
C LYS A 156 8.81 9.69 -8.14
N VAL A 157 8.99 10.95 -8.53
CA VAL A 157 9.19 11.26 -9.94
C VAL A 157 10.50 10.63 -10.42
N SER A 158 11.53 10.63 -9.58
CA SER A 158 12.81 10.05 -9.94
C SER A 158 12.70 8.54 -10.10
N ILE A 159 11.88 7.90 -9.26
CA ILE A 159 11.70 6.46 -9.38
C ILE A 159 11.05 6.18 -10.73
N LEU A 160 10.10 7.01 -11.14
CA LEU A 160 9.46 6.83 -12.44
C LEU A 160 10.45 7.11 -13.57
N ASP A 161 11.21 8.20 -13.47
CA ASP A 161 12.16 8.55 -14.51
C ASP A 161 13.30 7.55 -14.71
N GLU A 162 13.80 6.97 -13.62
CA GLU A 162 14.92 6.04 -13.72
C GLU A 162 14.67 4.57 -13.47
N ASN A 163 13.58 4.22 -12.78
CA ASN A 163 13.35 2.82 -12.43
C ASN A 163 12.11 2.10 -12.91
N ILE A 164 11.20 2.80 -13.56
CA ILE A 164 9.98 2.17 -14.05
C ILE A 164 9.84 2.35 -15.55
N ALA A 165 9.64 1.23 -16.26
CA ALA A 165 9.49 1.28 -17.71
C ALA A 165 8.30 2.13 -18.12
N HIS A 166 8.44 2.86 -19.21
CA HIS A 166 7.37 3.72 -19.68
C HIS A 166 6.12 2.97 -20.11
N ASP A 167 6.22 1.65 -20.27
CA ASP A 167 5.07 0.86 -20.68
C ASP A 167 4.40 0.17 -19.49
N ASP A 168 4.97 0.37 -18.32
CA ASP A 168 4.43 -0.22 -17.10
C ASP A 168 3.21 0.58 -16.67
N LYS A 169 2.30 -0.05 -15.93
CA LYS A 169 1.09 0.63 -15.45
C LYS A 169 1.16 0.66 -13.92
N PRO A 170 1.69 1.76 -13.36
CA PRO A 170 1.79 1.82 -11.90
C PRO A 170 0.44 1.85 -11.19
N GLY A 171 0.41 1.29 -9.99
CA GLY A 171 -0.81 1.34 -9.21
C GLY A 171 -0.72 2.52 -8.26
N LEU A 172 -1.75 3.36 -8.27
CA LEU A 172 -1.81 4.50 -7.35
C LEU A 172 -2.79 4.11 -6.26
N TYR A 173 -2.43 4.39 -5.02
CA TYR A 173 -3.27 4.09 -3.88
C TYR A 173 -3.58 5.39 -3.16
N PHE A 174 -4.87 5.70 -3.12
CA PHE A 174 -5.34 6.92 -2.49
C PHE A 174 -5.85 6.67 -1.07
N HIS A 175 -5.28 7.42 -0.13
CA HIS A 175 -5.63 7.36 1.28
C HIS A 175 -6.13 8.76 1.59
N GLU A 176 -7.43 8.97 1.38
CA GLU A 176 -8.02 10.29 1.54
C GLU A 176 -7.26 11.23 0.61
N GLU A 177 -6.62 12.26 1.14
CA GLU A 177 -5.88 13.20 0.28
C GLU A 177 -4.46 12.75 -0.08
N TYR A 178 -3.98 11.69 0.57
CA TYR A 178 -2.64 11.19 0.33
C TYR A 178 -2.65 10.19 -0.83
N VAL A 179 -1.55 10.13 -1.57
CA VAL A 179 -1.44 9.18 -2.67
C VAL A 179 -0.04 8.56 -2.68
N ASP A 180 0.03 7.25 -2.87
CA ASP A 180 1.32 6.58 -2.96
C ASP A 180 1.27 5.69 -4.21
N MET A 181 2.40 5.07 -4.53
CA MET A 181 2.51 4.25 -5.73
C MET A 181 3.12 2.91 -5.37
N CYS A 182 2.56 1.83 -5.90
CA CYS A 182 3.06 0.53 -5.54
C CYS A 182 2.54 -0.57 -6.45
N ARG A 183 3.18 -1.73 -6.36
CA ARG A 183 2.75 -2.89 -7.12
C ARG A 183 1.65 -3.52 -6.25
N GLY A 184 1.73 -3.26 -4.95
CA GLY A 184 0.74 -3.80 -4.03
C GLY A 184 0.87 -5.31 -3.83
N PRO A 185 -0.19 -5.96 -3.34
CA PRO A 185 -1.48 -5.37 -2.96
C PRO A 185 -1.41 -4.54 -1.69
N HIS A 186 -2.48 -3.78 -1.47
CA HIS A 186 -2.64 -3.02 -0.23
C HIS A 186 -3.99 -3.37 0.36
N VAL A 187 -4.19 -3.04 1.63
CA VAL A 187 -5.45 -3.35 2.27
C VAL A 187 -6.59 -2.59 1.57
N PRO A 188 -7.83 -3.11 1.67
CA PRO A 188 -8.96 -2.44 1.03
C PRO A 188 -9.52 -1.31 1.89
N ASN A 189 -9.21 -1.36 3.19
CA ASN A 189 -9.71 -0.39 4.15
C ASN A 189 -8.75 -0.38 5.33
N MET A 190 -8.57 0.78 5.96
CA MET A 190 -7.62 0.87 7.06
C MET A 190 -8.03 0.20 8.37
N ARG A 191 -9.20 -0.41 8.40
CA ARG A 191 -9.62 -1.10 9.61
C ARG A 191 -8.69 -2.30 9.86
N PHE A 192 -7.95 -2.70 8.83
CA PHE A 192 -7.00 -3.82 8.93
C PHE A 192 -5.65 -3.35 9.46
N CYS A 193 -5.48 -2.05 9.63
CA CYS A 193 -4.20 -1.49 10.07
C CYS A 193 -4.22 -0.74 11.40
N HIS A 194 -4.83 -1.31 12.42
CA HIS A 194 -4.88 -0.62 13.71
C HIS A 194 -3.75 -1.01 14.66
N HIS A 195 -3.09 -2.12 14.38
CA HIS A 195 -2.03 -2.61 15.25
C HIS A 195 -0.64 -2.41 14.71
N PHE A 196 -0.02 -1.33 15.16
CA PHE A 196 1.32 -0.98 14.72
C PHE A 196 1.96 -0.04 15.73
N LYS A 197 3.25 0.18 15.57
CA LYS A 197 3.98 1.11 16.42
C LYS A 197 5.23 1.58 15.69
N LEU A 198 5.63 2.82 15.93
CA LEU A 198 6.84 3.31 15.33
C LEU A 198 7.96 3.00 16.30
N MET A 199 9.13 2.73 15.77
CA MET A 199 10.25 2.37 16.60
C MET A 199 11.34 3.44 16.53
N LYS A 200 12.46 3.12 15.90
CA LYS A 200 13.56 4.08 15.82
C LYS A 200 13.68 4.75 14.48
N THR A 201 14.57 5.75 14.40
CA THR A 201 14.86 6.44 13.15
C THR A 201 16.35 6.29 12.92
N ALA A 202 16.76 6.35 11.66
CA ALA A 202 18.17 6.24 11.30
C ALA A 202 18.37 7.09 10.06
N GLY A 203 19.62 7.18 9.59
CA GLY A 203 19.90 7.96 8.41
C GLY A 203 20.27 7.05 7.26
N ALA A 204 19.88 7.41 6.04
CA ALA A 204 20.19 6.61 4.87
C ALA A 204 20.29 7.50 3.62
N TYR A 205 21.40 7.39 2.89
CA TYR A 205 21.59 8.19 1.68
C TYR A 205 20.65 7.73 0.57
N TRP A 206 20.04 8.69 -0.12
CA TRP A 206 19.15 8.39 -1.24
C TRP A 206 19.95 7.57 -2.27
N ARG A 207 19.39 6.43 -2.66
CA ARG A 207 20.02 5.52 -3.61
C ARG A 207 21.38 5.00 -3.14
N GLY A 208 21.63 5.13 -1.83
CA GLY A 208 22.88 4.67 -1.25
C GLY A 208 24.11 5.39 -1.77
N ASP A 209 23.91 6.56 -2.34
CA ASP A 209 25.00 7.34 -2.90
C ASP A 209 25.31 8.54 -1.99
N SER A 210 26.54 8.62 -1.49
CA SER A 210 26.92 9.71 -0.59
C SER A 210 26.95 11.08 -1.28
N ASN A 211 26.76 11.09 -2.60
CA ASN A 211 26.72 12.35 -3.34
C ASN A 211 25.30 12.91 -3.23
N ASN A 212 24.37 12.03 -2.85
CA ASN A 212 22.97 12.42 -2.71
C ASN A 212 22.59 12.86 -1.30
N LYS A 213 21.33 13.24 -1.12
CA LYS A 213 20.88 13.69 0.17
C LYS A 213 20.73 12.58 1.20
N MET A 214 21.04 12.91 2.45
CA MET A 214 20.91 11.98 3.56
C MET A 214 19.46 12.07 4.03
N LEU A 215 18.72 10.97 3.88
CA LEU A 215 17.32 10.94 4.28
C LEU A 215 17.15 10.37 5.68
N GLN A 216 15.93 10.50 6.22
CA GLN A 216 15.65 9.95 7.54
C GLN A 216 14.78 8.72 7.31
N ARG A 217 15.22 7.61 7.91
CA ARG A 217 14.50 6.35 7.80
C ARG A 217 13.72 6.15 9.09
N ILE A 218 12.40 6.03 8.97
CA ILE A 218 11.53 5.83 10.12
C ILE A 218 11.06 4.39 10.11
N TYR A 219 11.42 3.64 11.16
CA TYR A 219 11.06 2.22 11.27
C TYR A 219 9.80 2.00 12.07
N GLY A 220 9.06 0.95 11.69
CA GLY A 220 7.86 0.61 12.41
C GLY A 220 7.61 -0.88 12.34
N THR A 221 6.65 -1.34 13.13
CA THR A 221 6.25 -2.74 13.13
C THR A 221 4.73 -2.74 13.08
N ALA A 222 4.17 -3.83 12.58
CA ALA A 222 2.72 -3.97 12.50
C ALA A 222 2.39 -5.44 12.56
N TRP A 223 1.20 -5.74 13.04
CA TRP A 223 0.76 -7.12 13.16
C TRP A 223 -0.75 -7.18 12.96
N ALA A 224 -1.31 -8.39 12.86
CA ALA A 224 -2.74 -8.53 12.62
C ALA A 224 -3.61 -8.03 13.77
#